data_3MR0
#
_entry.id   3MR0
#
_cell.length_a   59.265
_cell.length_b   35.080
_cell.length_c   71.348
_cell.angle_alpha   90.00
_cell.angle_beta   90.06
_cell.angle_gamma   90.00
#
_symmetry.space_group_name_H-M   'P 1 21 1'
#
loop_
_entity.id
_entity.type
_entity.pdbx_description
1 polymer 'Sensory box histidine kinase/response regulator'
2 non-polymer 'SULFATE ION'
3 non-polymer 1-METHOXY-2-[2-(2-METHOXY-ETHOXY]-ETHANE
4 non-polymer GLYCEROL
5 non-polymer DI(HYDROXYETHYL)ETHER
6 non-polymer 1,2-ETHANEDIOL
7 water water
#
_entity_poly.entity_id   1
_entity_poly.type   'polypeptide(L)'
_entity_poly.pdbx_seq_one_letter_code
;SNALSASEERFQLAVSGASAGLWDWNPKTGA(MSE)YLSPHFKKI(MSE)GYEDHELPDEITGHRESIHPDDRARVLAAL
KAHLEHRDTYDVEYRVRTRSGDFRWIQSRGQALWNSAGEPYR(MSE)VGWI(MSE)DVTDRKRDEDALRVSREELRRL
;
_entity_poly.pdbx_strand_id   A,B
#
loop_
_chem_comp.id
_chem_comp.type
_chem_comp.name
_chem_comp.formula
EDO non-polymer 1,2-ETHANEDIOL 'C2 H6 O2'
GOL non-polymer GLYCEROL 'C3 H8 O3'
PEG non-polymer DI(HYDROXYETHYL)ETHER 'C4 H10 O3'
PG5 non-polymer 1-METHOXY-2-[2-(2-METHOXY-ETHOXY]-ETHANE 'C8 H18 O4'
SO4 non-polymer 'SULFATE ION' 'O4 S -2'
#
# COMPACT_ATOMS: atom_id res chain seq x y z
N GLU A 9 5.56 -36.36 -4.88
CA GLU A 9 5.94 -37.51 -4.07
C GLU A 9 7.33 -37.30 -3.47
N ARG A 10 8.31 -37.04 -4.33
CA ARG A 10 9.56 -36.47 -3.86
C ARG A 10 9.19 -35.04 -3.54
N PHE A 11 7.92 -34.75 -3.82
CA PHE A 11 7.39 -33.40 -3.88
C PHE A 11 7.33 -32.71 -2.52
N GLN A 12 6.91 -33.47 -1.52
CA GLN A 12 6.66 -32.85 -0.23
C GLN A 12 7.97 -32.35 0.39
N LEU A 13 9.09 -32.96 0.01
CA LEU A 13 10.39 -32.43 0.41
C LEU A 13 10.58 -31.07 -0.25
N ALA A 14 10.06 -30.97 -1.47
CA ALA A 14 10.19 -29.76 -2.27
C ALA A 14 9.35 -28.62 -1.70
N VAL A 15 8.03 -28.76 -1.72
CA VAL A 15 7.18 -27.64 -1.33
C VAL A 15 7.50 -27.21 0.10
N SER A 16 8.01 -28.13 0.91
CA SER A 16 8.31 -27.87 2.33
C SER A 16 9.55 -26.99 2.57
N GLY A 17 10.72 -27.47 2.13
CA GLY A 17 11.99 -26.80 2.36
C GLY A 17 12.23 -25.45 1.70
N ALA A 18 11.36 -25.09 0.75
CA ALA A 18 11.35 -23.76 0.12
C ALA A 18 10.60 -22.73 0.96
N SER A 19 9.93 -23.22 2.01
N SER A 19 9.95 -23.22 2.01
CA SER A 19 9.03 -22.40 2.81
CA SER A 19 9.04 -22.43 2.83
C SER A 19 7.84 -22.05 1.95
C SER A 19 7.82 -22.07 1.99
N ALA A 20 7.31 -23.06 1.28
CA ALA A 20 6.15 -22.87 0.42
C ALA A 20 4.88 -23.36 1.11
N GLY A 21 3.73 -22.81 0.70
CA GLY A 21 2.44 -23.32 1.15
C GLY A 21 1.71 -24.05 0.05
N LEU A 22 1.24 -25.25 0.37
N LEU A 22 1.25 -25.26 0.38
CA LEU A 22 0.54 -26.09 -0.60
CA LEU A 22 0.50 -26.07 -0.57
C LEU A 22 -0.94 -25.75 -0.61
C LEU A 22 -0.95 -25.63 -0.62
N TRP A 23 -1.55 -25.75 -1.79
CA TRP A 23 -3.00 -25.57 -1.90
C TRP A 23 -3.67 -26.58 -2.86
N ASP A 24 -4.90 -26.97 -2.56
CA ASP A 24 -5.62 -27.97 -3.38
C ASP A 24 -7.06 -27.49 -3.53
N TRP A 25 -7.43 -27.13 -4.74
CA TRP A 25 -8.64 -26.36 -4.97
C TRP A 25 -9.67 -27.04 -5.89
N ASN A 26 -10.93 -27.00 -5.48
CA ASN A 26 -12.02 -27.55 -6.27
C ASN A 26 -12.69 -26.42 -7.01
N PRO A 27 -12.61 -26.45 -8.33
CA PRO A 27 -13.11 -25.35 -9.17
C PRO A 27 -14.62 -25.16 -9.14
N LYS A 28 -15.40 -26.21 -8.97
CA LYS A 28 -16.84 -26.04 -9.00
C LYS A 28 -17.34 -25.47 -7.66
N THR A 29 -16.82 -26.02 -6.56
CA THR A 29 -17.28 -25.68 -5.22
C THR A 29 -16.60 -24.45 -4.59
N GLY A 30 -15.36 -24.16 -5.02
CA GLY A 30 -14.58 -23.08 -4.43
C GLY A 30 -13.76 -23.50 -3.23
N ALA A 31 -14.05 -24.70 -2.71
CA ALA A 31 -13.36 -25.25 -1.57
C ALA A 31 -11.84 -25.39 -1.79
N MSE A 32 -11.08 -25.07 -0.75
CA MSE A 32 -9.64 -25.10 -0.85
C MSE A 32 -9.02 -25.70 0.40
O MSE A 32 -9.34 -25.28 1.51
CB MSE A 32 -9.14 -23.68 -1.07
CG MSE A 32 -7.66 -23.64 -1.43
SE MSE A 32 -7.02 -21.94 -2.11
CE MSE A 32 -8.28 -20.76 -1.23
N TYR A 33 -8.15 -26.70 0.23
CA TYR A 33 -7.30 -27.18 1.31
C TYR A 33 -6.03 -26.35 1.37
N LEU A 34 -5.58 -26.06 2.58
CA LEU A 34 -4.41 -25.22 2.83
C LEU A 34 -3.42 -25.94 3.75
N SER A 35 -2.15 -25.96 3.36
CA SER A 35 -1.16 -26.54 4.23
C SER A 35 -0.92 -25.59 5.40
N PRO A 36 -0.38 -26.13 6.51
CA PRO A 36 -0.05 -25.23 7.62
C PRO A 36 0.79 -24.05 7.14
N HIS A 37 1.81 -24.27 6.29
CA HIS A 37 2.62 -23.12 5.84
C HIS A 37 1.88 -22.13 4.92
N PHE A 38 0.90 -22.61 4.17
CA PHE A 38 0.05 -21.70 3.44
C PHE A 38 -0.60 -20.78 4.46
N LYS A 39 -1.21 -21.35 5.49
CA LYS A 39 -1.86 -20.51 6.49
C LYS A 39 -0.88 -19.50 7.07
N LYS A 40 0.33 -19.96 7.31
CA LYS A 40 1.29 -19.07 7.90
C LYS A 40 1.60 -17.90 6.97
N ILE A 41 1.88 -18.19 5.71
CA ILE A 41 2.19 -17.14 4.73
C ILE A 41 1.10 -16.07 4.67
N MSE A 42 -0.16 -16.44 4.91
CA MSE A 42 -1.25 -15.46 5.00
C MSE A 42 -1.22 -14.69 6.33
O MSE A 42 -2.00 -13.76 6.56
CB MSE A 42 -2.62 -16.10 4.80
CG MSE A 42 -2.80 -16.78 3.47
SE MSE A 42 -2.54 -15.60 1.94
CE MSE A 42 -3.93 -14.29 2.36
N GLY A 43 -0.30 -15.11 7.22
CA GLY A 43 -0.12 -14.50 8.53
C GLY A 43 -0.88 -15.20 9.63
N TYR A 44 -1.40 -16.40 9.36
CA TYR A 44 -2.28 -17.09 10.30
C TYR A 44 -1.66 -18.36 10.86
N GLU A 45 -1.76 -18.53 12.18
CA GLU A 45 -1.35 -19.80 12.78
C GLU A 45 -2.29 -20.93 12.33
N ASP A 46 -1.78 -22.16 12.40
CA ASP A 46 -2.49 -23.34 11.91
C ASP A 46 -3.94 -23.39 12.42
N HIS A 47 -4.14 -23.04 13.68
CA HIS A 47 -5.45 -23.11 14.31
C HIS A 47 -6.33 -21.89 14.06
N GLU A 48 -5.76 -20.83 13.50
CA GLU A 48 -6.53 -19.61 13.22
C GLU A 48 -7.32 -19.64 11.91
N LEU A 49 -7.30 -20.79 11.25
CA LEU A 49 -8.08 -21.03 10.04
C LEU A 49 -8.14 -22.54 9.87
N PRO A 50 -9.30 -23.07 9.44
CA PRO A 50 -9.53 -24.52 9.21
C PRO A 50 -8.74 -25.10 8.03
N ASP A 51 -8.42 -26.38 8.04
CA ASP A 51 -7.69 -26.93 6.91
C ASP A 51 -8.40 -26.73 5.53
N GLU A 52 -9.63 -26.17 5.53
CA GLU A 52 -10.44 -26.00 4.29
C GLU A 52 -11.40 -24.79 4.26
N ILE A 53 -11.22 -23.89 3.29
CA ILE A 53 -12.08 -22.70 3.17
C ILE A 53 -12.81 -22.59 1.80
N THR A 54 -14.06 -22.12 1.84
CA THR A 54 -15.00 -22.31 0.72
C THR A 54 -15.71 -21.01 0.33
N GLU A 58 -11.09 -13.46 -0.53
CA GLU A 58 -11.33 -12.06 -0.88
C GLU A 58 -10.10 -11.14 -0.77
N SER A 59 -8.95 -11.68 -0.42
CA SER A 59 -7.83 -10.87 0.04
C SER A 59 -6.90 -10.25 -1.02
N ILE A 60 -7.12 -10.57 -2.29
N ILE A 60 -7.12 -10.57 -2.29
CA ILE A 60 -6.28 -10.06 -3.38
CA ILE A 60 -6.27 -10.05 -3.36
C ILE A 60 -6.30 -8.53 -3.46
C ILE A 60 -6.29 -8.52 -3.39
N HIS A 61 -5.14 -7.93 -3.69
CA HIS A 61 -5.02 -6.47 -3.80
C HIS A 61 -5.88 -6.00 -4.97
N PRO A 62 -6.66 -4.92 -4.78
CA PRO A 62 -7.49 -4.39 -5.86
C PRO A 62 -6.78 -4.21 -7.20
N ASP A 63 -5.51 -3.81 -7.22
CA ASP A 63 -4.80 -3.63 -8.50
C ASP A 63 -4.46 -4.92 -9.26
N ASP A 64 -4.36 -6.03 -8.54
CA ASP A 64 -3.98 -7.31 -9.14
C ASP A 64 -5.16 -8.22 -9.48
N ARG A 65 -6.31 -7.93 -8.90
CA ARG A 65 -7.51 -8.76 -8.98
C ARG A 65 -7.82 -9.19 -10.40
N ALA A 66 -7.89 -8.25 -11.32
CA ALA A 66 -8.25 -8.59 -12.69
C ALA A 66 -7.19 -9.45 -13.33
N ARG A 67 -5.92 -9.06 -13.18
CA ARG A 67 -4.83 -9.81 -13.78
C ARG A 67 -4.84 -11.27 -13.33
N VAL A 68 -5.01 -11.47 -12.02
CA VAL A 68 -5.00 -12.81 -11.43
C VAL A 68 -6.17 -13.66 -11.91
N LEU A 69 -7.39 -13.11 -11.82
N LEU A 69 -7.38 -13.10 -11.82
CA LEU A 69 -8.57 -13.85 -12.24
CA LEU A 69 -8.60 -13.77 -12.23
C LEU A 69 -8.45 -14.22 -13.72
C LEU A 69 -8.51 -14.16 -13.70
N ALA A 70 -7.95 -13.29 -14.51
CA ALA A 70 -7.78 -13.56 -15.93
C ALA A 70 -6.80 -14.72 -16.17
N ALA A 71 -5.70 -14.76 -15.42
CA ALA A 71 -4.73 -15.82 -15.63
C ALA A 71 -5.30 -17.17 -15.23
N LEU A 72 -6.13 -17.18 -14.17
CA LEU A 72 -6.81 -18.41 -13.76
C LEU A 72 -7.73 -18.92 -14.87
N LYS A 73 -8.44 -17.99 -15.52
CA LYS A 73 -9.27 -18.29 -16.68
C LYS A 73 -8.44 -18.83 -17.85
N ALA A 74 -7.35 -18.16 -18.19
CA ALA A 74 -6.50 -18.62 -19.26
C ALA A 74 -6.03 -20.05 -18.99
N HIS A 75 -5.85 -20.39 -17.71
CA HIS A 75 -5.46 -21.75 -17.32
C HIS A 75 -6.63 -22.71 -17.43
N LEU A 76 -7.72 -22.39 -16.76
CA LEU A 76 -8.87 -23.31 -16.72
C LEU A 76 -9.53 -23.50 -18.09
N GLU A 77 -9.33 -22.57 -19.00
CA GLU A 77 -9.94 -22.66 -20.31
C GLU A 77 -9.00 -22.97 -21.45
N HIS A 78 -7.82 -22.37 -21.46
CA HIS A 78 -6.95 -22.55 -22.61
C HIS A 78 -5.81 -23.45 -22.24
N ARG A 79 -5.82 -23.84 -20.97
CA ARG A 79 -4.76 -24.66 -20.40
C ARG A 79 -3.46 -23.91 -20.16
N ASP A 80 -3.39 -22.65 -20.61
CA ASP A 80 -2.18 -21.86 -20.46
C ASP A 80 -1.65 -21.97 -19.06
N THR A 81 -0.33 -21.84 -18.92
CA THR A 81 0.36 -21.98 -17.63
C THR A 81 -0.21 -21.03 -16.57
N TYR A 82 -0.35 -21.53 -15.34
CA TYR A 82 -0.69 -20.67 -14.21
C TYR A 82 0.53 -20.49 -13.33
N ASP A 83 1.05 -19.26 -13.33
CA ASP A 83 2.23 -18.85 -12.58
C ASP A 83 2.24 -17.34 -12.47
N VAL A 84 1.69 -16.81 -11.39
CA VAL A 84 1.54 -15.38 -11.31
C VAL A 84 2.15 -14.87 -10.02
N GLU A 85 2.48 -13.59 -9.99
CA GLU A 85 2.86 -12.95 -8.77
C GLU A 85 1.86 -11.86 -8.46
N TYR A 86 1.44 -11.78 -7.21
CA TYR A 86 0.47 -10.75 -6.82
C TYR A 86 0.44 -10.47 -5.33
N ARG A 87 -0.29 -9.44 -4.93
CA ARG A 87 -0.38 -9.03 -3.55
C ARG A 87 -1.63 -9.58 -2.89
N VAL A 88 -1.47 -10.10 -1.68
CA VAL A 88 -2.57 -10.55 -0.83
C VAL A 88 -2.51 -9.88 0.54
N ARG A 89 -3.69 -9.57 1.07
N ARG A 89 -3.69 -9.57 1.07
CA ARG A 89 -3.82 -8.97 2.40
CA ARG A 89 -3.85 -9.01 2.39
C ARG A 89 -3.69 -10.06 3.46
C ARG A 89 -3.67 -10.11 3.43
N THR A 90 -2.68 -9.94 4.29
CA THR A 90 -2.42 -10.92 5.36
C THR A 90 -3.35 -10.69 6.57
N ARG A 91 -3.30 -11.60 7.53
CA ARG A 91 -4.19 -11.56 8.69
C ARG A 91 -4.26 -10.17 9.24
N SER A 92 -3.10 -9.53 9.27
CA SER A 92 -2.91 -8.27 9.93
C SER A 92 -3.14 -7.15 8.97
N GLY A 93 -3.93 -7.40 7.93
CA GLY A 93 -4.30 -6.38 6.99
C GLY A 93 -3.15 -5.80 6.19
N ASP A 94 -1.94 -6.33 6.38
CA ASP A 94 -0.74 -5.89 5.63
C ASP A 94 -0.50 -6.74 4.37
N PHE A 95 -0.10 -6.09 3.28
CA PHE A 95 0.05 -6.81 2.02
C PHE A 95 1.41 -7.45 1.90
N ARG A 96 1.43 -8.67 1.36
CA ARG A 96 2.67 -9.30 0.96
C ARG A 96 2.55 -9.74 -0.51
N TRP A 97 3.67 -9.91 -1.19
CA TRP A 97 3.65 -10.49 -2.52
C TRP A 97 3.83 -12.00 -2.40
N ILE A 98 3.05 -12.74 -3.17
CA ILE A 98 3.26 -14.17 -3.33
C ILE A 98 3.44 -14.50 -4.81
N GLN A 99 4.22 -15.53 -5.10
CA GLN A 99 4.16 -16.20 -6.40
C GLN A 99 3.24 -17.41 -6.24
N SER A 100 2.27 -17.57 -7.14
CA SER A 100 1.35 -18.72 -7.10
C SER A 100 1.47 -19.50 -8.40
N ARG A 101 1.66 -20.81 -8.28
N ARG A 101 1.77 -20.79 -8.28
CA ARG A 101 1.81 -21.71 -9.42
CA ARG A 101 1.79 -21.71 -9.41
C ARG A 101 0.96 -22.95 -9.20
C ARG A 101 0.74 -22.78 -9.17
N GLY A 102 0.30 -23.43 -10.24
CA GLY A 102 -0.61 -24.54 -10.09
C GLY A 102 -1.01 -25.18 -11.39
N GLN A 103 -1.63 -26.34 -11.26
CA GLN A 103 -2.01 -27.16 -12.39
C GLN A 103 -3.37 -27.77 -12.11
N ALA A 104 -4.29 -27.50 -13.03
CA ALA A 104 -5.65 -28.01 -12.98
C ALA A 104 -5.75 -29.43 -13.58
N LEU A 105 -6.83 -30.13 -13.26
N LEU A 105 -6.82 -30.13 -13.24
CA LEU A 105 -7.14 -31.42 -13.86
CA LEU A 105 -7.14 -31.41 -13.86
C LEU A 105 -8.51 -31.29 -14.45
C LEU A 105 -8.53 -31.32 -14.44
N TRP A 106 -8.67 -31.75 -15.70
CA TRP A 106 -9.94 -31.70 -16.42
C TRP A 106 -10.49 -33.07 -16.72
N ASN A 107 -11.80 -33.19 -16.73
CA ASN A 107 -12.44 -34.42 -17.13
C ASN A 107 -12.47 -34.49 -18.66
N SER A 108 -13.08 -35.52 -19.23
CA SER A 108 -13.06 -35.66 -20.69
C SER A 108 -13.93 -34.61 -21.37
N ALA A 109 -14.76 -33.94 -20.59
CA ALA A 109 -15.58 -32.85 -21.09
C ALA A 109 -14.84 -31.49 -21.13
N GLY A 110 -13.55 -31.46 -20.77
CA GLY A 110 -12.81 -30.21 -20.69
C GLY A 110 -13.04 -29.35 -19.45
N GLU A 111 -13.75 -29.88 -18.44
CA GLU A 111 -14.11 -29.14 -17.24
C GLU A 111 -13.11 -29.42 -16.15
N PRO A 112 -12.72 -28.37 -15.39
CA PRO A 112 -11.82 -28.60 -14.26
C PRO A 112 -12.54 -29.26 -13.06
N TYR A 113 -11.94 -30.29 -12.47
CA TYR A 113 -12.46 -30.84 -11.23
C TYR A 113 -11.51 -30.65 -10.09
N ARG A 114 -10.25 -30.33 -10.38
CA ARG A 114 -9.26 -30.17 -9.32
C ARG A 114 -8.17 -29.23 -9.82
N MSE A 115 -7.44 -28.63 -8.90
CA MSE A 115 -6.23 -27.85 -9.24
C MSE A 115 -5.28 -27.81 -8.01
O MSE A 115 -5.69 -27.46 -6.90
CB MSE A 115 -6.60 -26.44 -9.72
CG MSE A 115 -5.45 -25.66 -10.32
SE MSE A 115 -5.90 -23.79 -10.70
CE MSE A 115 -4.22 -23.18 -11.46
N VAL A 116 -4.02 -28.17 -8.21
N VAL A 116 -4.02 -28.15 -8.21
CA VAL A 116 -3.09 -28.21 -7.09
CA VAL A 116 -3.08 -28.21 -7.10
C VAL A 116 -1.91 -27.29 -7.35
C VAL A 116 -1.89 -27.31 -7.35
N GLY A 117 -1.42 -26.64 -6.30
CA GLY A 117 -0.29 -25.76 -6.45
C GLY A 117 0.28 -25.28 -5.14
N TRP A 118 1.09 -24.25 -5.23
CA TRP A 118 1.76 -23.72 -4.06
C TRP A 118 1.79 -22.20 -4.08
N ILE A 119 2.19 -21.61 -2.96
CA ILE A 119 2.51 -20.22 -2.93
C ILE A 119 3.85 -20.05 -2.22
N MSE A 120 4.60 -19.01 -2.61
CA MSE A 120 5.80 -18.61 -1.89
C MSE A 120 5.73 -17.12 -1.63
O MSE A 120 5.20 -16.38 -2.47
CB MSE A 120 7.06 -18.96 -2.68
CG MSE A 120 7.45 -20.41 -2.59
SE MSE A 120 9.30 -20.73 -3.13
CE MSE A 120 9.10 -20.61 -5.04
N ASP A 121 6.26 -16.69 -0.49
CA ASP A 121 6.31 -15.26 -0.18
C ASP A 121 7.52 -14.66 -0.86
N VAL A 122 7.28 -13.81 -1.85
CA VAL A 122 8.35 -13.17 -2.63
C VAL A 122 8.42 -11.65 -2.39
N THR A 123 7.98 -11.21 -1.21
CA THR A 123 7.87 -9.79 -0.92
C THR A 123 9.18 -9.07 -1.05
N ASP A 124 10.23 -9.60 -0.40
CA ASP A 124 11.54 -8.93 -0.34
C ASP A 124 12.21 -8.77 -1.70
N ARG A 125 12.09 -9.76 -2.56
CA ARG A 125 12.56 -9.60 -3.92
C ARG A 125 11.79 -8.50 -4.62
N LYS A 126 10.47 -8.46 -4.43
CA LYS A 126 9.63 -7.46 -5.11
C LYS A 126 9.95 -6.03 -4.61
N ARG A 127 10.30 -5.92 -3.33
N ARG A 127 10.31 -5.93 -3.33
CA ARG A 127 10.75 -4.67 -2.74
CA ARG A 127 10.75 -4.67 -2.71
C ARG A 127 11.97 -4.16 -3.47
C ARG A 127 12.00 -4.14 -3.38
N ASP A 128 12.99 -5.02 -3.58
CA ASP A 128 14.28 -4.63 -4.17
C ASP A 128 14.19 -4.36 -5.68
N GLU A 129 13.38 -5.12 -6.38
CA GLU A 129 13.10 -4.83 -7.78
C GLU A 129 12.47 -3.46 -7.97
N ASP A 130 11.47 -3.11 -7.16
CA ASP A 130 10.87 -1.79 -7.28
C ASP A 130 11.84 -0.70 -6.84
N ALA A 131 12.56 -0.94 -5.76
CA ALA A 131 13.59 -0.01 -5.34
C ALA A 131 14.53 0.29 -6.51
N LEU A 132 15.03 -0.74 -7.19
CA LEU A 132 15.88 -0.54 -8.36
C LEU A 132 15.13 0.23 -9.43
N ARG A 133 13.91 -0.23 -9.71
CA ARG A 133 13.09 0.34 -10.75
C ARG A 133 12.92 1.85 -10.55
N VAL A 134 12.66 2.25 -9.31
CA VAL A 134 12.51 3.67 -8.96
C VAL A 134 13.81 4.48 -9.10
N SER A 135 14.93 3.91 -8.64
CA SER A 135 16.25 4.51 -8.83
C SER A 135 16.55 4.81 -10.31
N ARG A 136 16.24 3.87 -11.18
CA ARG A 136 16.42 4.05 -12.63
C ARG A 136 15.54 5.17 -13.21
N GLU A 137 14.26 5.22 -12.83
N GLU A 137 14.27 5.20 -12.82
CA GLU A 137 13.35 6.28 -13.31
CA GLU A 137 13.36 6.26 -13.26
C GLU A 137 13.76 7.68 -12.82
C GLU A 137 13.92 7.62 -12.86
N GLU A 138 14.20 7.77 -11.58
CA GLU A 138 14.70 9.03 -11.06
C GLU A 138 15.99 9.52 -11.72
N LEU A 139 16.88 8.60 -12.11
CA LEU A 139 18.12 8.95 -12.78
C LEU A 139 17.84 9.48 -14.18
N ARG A 140 16.84 8.90 -14.83
CA ARG A 140 16.46 9.36 -16.15
C ARG A 140 15.75 10.73 -16.12
N ARG A 141 15.23 11.13 -14.97
N ARG A 141 15.31 11.13 -14.93
CA ARG A 141 14.70 12.50 -14.88
CA ARG A 141 14.66 12.43 -14.73
C ARG A 141 15.66 13.44 -14.16
C ARG A 141 15.66 13.56 -14.46
N LEU A 142 16.94 13.22 -14.40
CA LEU A 142 17.98 14.20 -14.06
C LEU A 142 18.63 14.83 -15.29
N GLU B 9 -5.85 6.67 -10.43
CA GLU B 9 -7.04 5.88 -10.76
C GLU B 9 -8.30 6.40 -10.04
N ARG B 10 -8.86 5.59 -9.13
CA ARG B 10 -9.71 6.11 -8.09
C ARG B 10 -8.94 7.27 -7.45
N PHE B 11 -7.70 6.96 -7.05
CA PHE B 11 -6.78 7.81 -6.27
C PHE B 11 -6.63 9.25 -6.78
N GLN B 12 -6.35 9.39 -8.07
CA GLN B 12 -6.19 10.69 -8.71
C GLN B 12 -7.53 11.37 -9.01
N LEU B 13 -8.48 10.61 -9.52
CA LEU B 13 -9.80 11.17 -9.81
C LEU B 13 -10.46 11.71 -8.53
N ALA B 14 -10.32 10.98 -7.42
CA ALA B 14 -10.76 11.51 -6.13
C ALA B 14 -9.85 12.68 -5.72
N VAL B 15 -8.54 12.50 -5.89
CA VAL B 15 -7.55 13.56 -5.62
C VAL B 15 -8.00 14.93 -6.21
N SER B 16 -8.24 14.96 -7.52
CA SER B 16 -8.67 16.17 -8.20
C SER B 16 -10.09 16.60 -7.80
N GLY B 17 -10.97 15.64 -7.53
CA GLY B 17 -12.29 15.99 -7.05
C GLY B 17 -12.19 16.49 -5.63
N ALA B 18 -11.18 16.01 -4.89
CA ALA B 18 -10.99 16.29 -3.46
C ALA B 18 -10.26 17.59 -3.17
N SER B 19 -9.79 18.25 -4.23
N SER B 19 -9.74 18.23 -4.22
CA SER B 19 -8.89 19.39 -4.07
CA SER B 19 -8.90 19.41 -4.05
C SER B 19 -7.78 19.02 -3.10
C SER B 19 -7.70 19.06 -3.16
N ALA B 20 -7.17 17.86 -3.33
CA ALA B 20 -6.01 17.41 -2.57
C ALA B 20 -4.75 17.54 -3.41
N GLY B 21 -3.63 17.83 -2.75
CA GLY B 21 -2.34 17.89 -3.40
C GLY B 21 -1.61 16.57 -3.28
N LEU B 22 -0.83 16.21 -4.29
N LEU B 22 -0.83 16.23 -4.29
CA LEU B 22 -0.11 14.95 -4.30
CA LEU B 22 -0.07 14.99 -4.27
C LEU B 22 1.38 15.22 -4.14
C LEU B 22 1.38 15.30 -4.05
N TRP B 23 2.06 14.42 -3.34
CA TRP B 23 3.48 14.56 -3.15
C TRP B 23 4.14 13.20 -3.24
N ASP B 24 5.40 13.20 -3.59
CA ASP B 24 6.15 11.98 -3.80
C ASP B 24 7.50 12.38 -3.29
N TRP B 25 7.94 11.76 -2.20
CA TRP B 25 9.18 12.07 -1.53
C TRP B 25 10.20 10.94 -1.61
N ASN B 26 11.46 11.28 -1.86
CA ASN B 26 12.55 10.32 -1.73
C ASN B 26 13.17 10.50 -0.37
N PRO B 27 13.01 9.51 0.50
CA PRO B 27 13.57 9.69 1.85
C PRO B 27 15.10 9.69 1.86
N LYS B 28 15.73 9.24 0.78
CA LYS B 28 17.18 9.10 0.74
C LYS B 28 17.91 10.36 0.24
N THR B 29 17.31 11.06 -0.72
CA THR B 29 17.88 12.32 -1.24
C THR B 29 17.13 13.56 -0.72
N GLY B 30 15.84 13.40 -0.44
CA GLY B 30 15.06 14.50 0.12
C GLY B 30 14.25 15.25 -0.92
N ALA B 31 14.40 14.86 -2.18
CA ALA B 31 13.60 15.43 -3.27
C ALA B 31 12.11 15.03 -3.20
N MSE B 32 11.23 15.97 -3.51
CA MSE B 32 9.81 15.73 -3.41
C MSE B 32 9.06 16.31 -4.62
O MSE B 32 9.26 17.47 -4.97
CB MSE B 32 9.30 16.33 -2.09
CG MSE B 32 7.91 15.84 -1.71
SE MSE B 32 7.36 16.22 0.13
CE MSE B 32 7.20 18.12 0.08
N TYR B 33 8.24 15.48 -5.27
CA TYR B 33 7.41 15.93 -6.38
C TYR B 33 6.22 16.59 -5.77
N LEU B 34 5.96 17.83 -6.18
CA LEU B 34 4.81 18.60 -5.69
C LEU B 34 3.80 18.88 -6.81
N SER B 35 2.68 18.18 -6.79
CA SER B 35 1.72 18.39 -7.84
C SER B 35 1.27 19.84 -7.79
N PRO B 36 0.71 20.34 -8.90
CA PRO B 36 0.25 21.74 -8.90
C PRO B 36 -0.73 22.07 -7.77
N HIS B 37 -1.65 21.16 -7.39
CA HIS B 37 -2.54 21.52 -6.28
C HIS B 37 -1.92 21.50 -4.88
N PHE B 38 -0.88 20.69 -4.72
CA PHE B 38 -0.07 20.75 -3.52
C PHE B 38 0.43 22.17 -3.41
N LYS B 39 0.94 22.71 -4.51
CA LYS B 39 1.49 24.06 -4.48
C LYS B 39 0.39 25.06 -4.13
N LYS B 40 -0.73 24.96 -4.82
CA LYS B 40 -1.85 25.83 -4.58
C LYS B 40 -2.26 25.90 -3.09
N ILE B 41 -2.37 24.76 -2.42
CA ILE B 41 -2.61 24.74 -0.99
C ILE B 41 -1.56 25.53 -0.19
N MSE B 42 -0.28 25.38 -0.56
CA MSE B 42 0.86 26.11 0.06
C MSE B 42 0.98 27.59 -0.34
O MSE B 42 1.89 28.29 0.14
CB MSE B 42 2.19 25.42 -0.26
CG MSE B 42 2.28 23.95 0.10
SE MSE B 42 2.06 23.61 2.00
CE MSE B 42 3.43 24.86 2.63
N GLY B 43 0.11 28.05 -1.24
CA GLY B 43 0.01 29.45 -1.64
C GLY B 43 0.68 29.82 -2.95
N TYR B 44 1.20 28.84 -3.68
CA TYR B 44 1.99 29.10 -4.85
C TYR B 44 1.23 28.81 -6.11
N GLU B 45 1.36 29.70 -7.10
CA GLU B 45 1.00 29.37 -8.48
C GLU B 45 1.92 28.25 -9.00
N ASP B 46 1.43 27.46 -9.97
CA ASP B 46 2.06 26.19 -10.34
C ASP B 46 3.43 26.36 -10.99
N HIS B 47 3.78 27.59 -11.29
CA HIS B 47 4.99 27.88 -12.02
C HIS B 47 5.93 28.69 -11.14
N GLU B 48 5.46 29.06 -9.95
CA GLU B 48 6.27 29.78 -8.96
C GLU B 48 7.14 28.83 -8.14
N LEU B 49 6.67 27.60 -7.99
CA LEU B 49 7.43 26.55 -7.31
C LEU B 49 7.97 25.55 -8.30
N PRO B 50 9.18 25.01 -8.02
CA PRO B 50 9.68 23.90 -8.83
C PRO B 50 8.71 22.71 -8.75
N ASP B 51 8.64 21.90 -9.79
CA ASP B 51 7.83 20.68 -9.76
C ASP B 51 8.41 19.67 -8.75
N GLU B 52 9.73 19.49 -8.80
CA GLU B 52 10.38 18.67 -7.79
C GLU B 52 11.35 19.54 -7.02
N ILE B 53 11.07 19.75 -5.74
CA ILE B 53 11.99 20.49 -4.89
C ILE B 53 12.98 19.52 -4.28
N THR B 54 14.02 20.05 -3.64
CA THR B 54 14.98 19.25 -2.87
C THR B 54 15.30 19.86 -1.49
N GLU B 58 10.77 23.09 7.74
CA GLU B 58 10.92 24.49 8.15
C GLU B 58 9.60 25.28 8.10
N SER B 59 8.69 24.89 7.19
CA SER B 59 7.42 25.61 7.03
C SER B 59 6.31 25.18 7.99
N ILE B 60 6.52 24.15 8.78
N ILE B 60 6.58 24.16 8.79
CA ILE B 60 5.43 23.72 9.62
CA ILE B 60 5.59 23.65 9.74
C ILE B 60 5.48 24.41 10.98
C ILE B 60 5.51 24.60 10.93
N HIS B 61 4.32 24.75 11.51
CA HIS B 61 4.18 25.60 12.70
C HIS B 61 5.12 25.12 13.80
N PRO B 62 5.78 26.04 14.50
CA PRO B 62 6.71 25.58 15.54
C PRO B 62 6.07 24.65 16.54
N ASP B 63 4.81 24.85 16.86
CA ASP B 63 4.18 24.07 17.89
C ASP B 63 3.78 22.68 17.36
N ASP B 64 4.03 22.46 16.08
CA ASP B 64 3.61 21.23 15.44
C ASP B 64 4.77 20.38 14.97
N ARG B 65 5.96 20.96 14.92
CA ARG B 65 7.09 20.38 14.24
C ARG B 65 7.56 19.09 14.92
N ALA B 66 7.59 19.06 16.24
CA ALA B 66 8.01 17.83 16.95
C ALA B 66 7.07 16.64 16.71
N ARG B 67 5.77 16.86 16.91
CA ARG B 67 4.70 15.89 16.69
C ARG B 67 4.72 15.24 15.31
N VAL B 68 4.91 16.05 14.28
CA VAL B 68 4.89 15.55 12.90
C VAL B 68 6.16 14.76 12.56
N LEU B 69 7.31 15.21 13.06
N LEU B 69 7.29 15.24 13.08
CA LEU B 69 8.53 14.44 12.89
CA LEU B 69 8.57 14.55 13.00
C LEU B 69 8.37 13.10 13.58
C LEU B 69 8.41 13.16 13.60
N ALA B 70 7.75 13.10 14.74
CA ALA B 70 7.57 11.86 15.49
C ALA B 70 6.64 10.89 14.75
N ALA B 71 5.60 11.43 14.12
CA ALA B 71 4.67 10.60 13.37
C ALA B 71 5.40 10.07 12.14
N LEU B 72 6.25 10.92 11.55
CA LEU B 72 7.02 10.53 10.37
C LEU B 72 8.05 9.44 10.68
N LYS B 73 8.94 9.68 11.64
CA LYS B 73 9.99 8.73 11.96
C LYS B 73 9.40 7.40 12.38
N ALA B 74 8.24 7.45 13.03
CA ALA B 74 7.55 6.25 13.46
C ALA B 74 7.00 5.45 12.27
N HIS B 75 6.53 6.17 11.26
CA HIS B 75 6.08 5.52 10.03
C HIS B 75 7.26 4.82 9.35
N LEU B 76 8.37 5.54 9.20
CA LEU B 76 9.52 5.03 8.44
C LEU B 76 10.17 3.85 9.14
N GLU B 77 10.13 3.86 10.47
CA GLU B 77 10.91 2.91 11.25
C GLU B 77 10.09 1.78 11.87
N HIS B 78 8.77 1.88 11.90
CA HIS B 78 7.95 0.84 12.53
C HIS B 78 6.64 0.58 11.78
N ARG B 79 6.47 1.30 10.69
CA ARG B 79 5.32 1.13 9.80
C ARG B 79 4.02 1.61 10.44
N ASP B 80 4.11 2.48 11.44
CA ASP B 80 2.91 3.08 12.03
C ASP B 80 2.21 3.95 11.00
N THR B 81 0.87 3.90 10.98
CA THR B 81 0.08 4.72 10.06
C THR B 81 0.54 6.18 10.03
N TYR B 82 0.68 6.75 8.83
CA TYR B 82 1.01 8.17 8.74
C TYR B 82 -0.18 8.99 8.30
N ASP B 83 -0.86 9.61 9.26
CA ASP B 83 -2.05 10.42 9.01
C ASP B 83 -2.10 11.50 10.09
N VAL B 84 -1.89 12.74 9.69
CA VAL B 84 -1.59 13.76 10.67
C VAL B 84 -2.20 15.06 10.19
N GLU B 85 -2.75 15.84 11.12
CA GLU B 85 -3.25 17.18 10.84
C GLU B 85 -2.36 18.16 11.52
N TYR B 86 -1.93 19.18 10.79
CA TYR B 86 -0.99 20.16 11.33
C TYR B 86 -0.95 21.46 10.55
N ARG B 87 -0.40 22.49 11.15
CA ARG B 87 -0.37 23.78 10.51
C ARG B 87 0.93 23.98 9.73
N VAL B 88 0.80 24.51 8.50
CA VAL B 88 1.93 24.85 7.65
C VAL B 88 1.81 26.32 7.25
N ARG B 89 2.94 27.02 7.13
N ARG B 89 2.95 26.98 7.09
CA ARG B 89 2.89 28.39 6.67
CA ARG B 89 3.01 28.37 6.66
C ARG B 89 2.93 28.44 5.15
C ARG B 89 2.95 28.43 5.13
N THR B 90 2.05 29.25 4.59
CA THR B 90 1.90 29.39 3.16
C THR B 90 2.43 30.72 2.67
N ARG B 91 2.49 30.88 1.35
CA ARG B 91 3.20 32.01 0.74
C ARG B 91 2.81 33.35 1.34
N SER B 92 1.56 33.48 1.79
CA SER B 92 1.11 34.72 2.35
C SER B 92 1.77 35.04 3.70
N GLY B 93 2.09 34.01 4.49
CA GLY B 93 2.49 34.20 5.88
C GLY B 93 1.48 33.56 6.81
N ASP B 94 0.29 33.30 6.27
CA ASP B 94 -0.78 32.57 6.95
C ASP B 94 -0.36 31.14 7.24
N PHE B 95 -0.72 30.64 8.43
CA PHE B 95 -0.65 29.22 8.68
C PHE B 95 -1.98 28.64 8.21
N ARG B 96 -1.93 27.47 7.56
CA ARG B 96 -3.13 26.71 7.19
C ARG B 96 -3.02 25.35 7.88
N TRP B 97 -4.16 24.72 8.16
CA TRP B 97 -4.19 23.34 8.65
C TRP B 97 -4.29 22.39 7.48
N ILE B 98 -3.39 21.41 7.44
CA ILE B 98 -3.45 20.41 6.39
C ILE B 98 -3.57 19.03 7.03
N GLN B 99 -4.31 18.13 6.37
CA GLN B 99 -4.21 16.70 6.66
C GLN B 99 -3.23 16.12 5.66
N SER B 100 -2.32 15.29 6.14
CA SER B 100 -1.33 14.66 5.27
C SER B 100 -1.38 13.18 5.56
N ARG B 101 -1.51 12.36 4.53
N ARG B 101 -1.51 12.37 4.52
CA ARG B 101 -1.41 10.91 4.68
CA ARG B 101 -1.42 10.93 4.64
C ARG B 101 -0.43 10.40 3.63
C ARG B 101 -0.37 10.45 3.64
N GLY B 102 0.39 9.43 4.01
CA GLY B 102 1.41 8.92 3.10
C GLY B 102 1.80 7.48 3.37
N GLN B 103 2.46 6.86 2.42
CA GLN B 103 2.84 5.46 2.57
C GLN B 103 4.24 5.31 2.02
N ALA B 104 5.17 4.94 2.89
CA ALA B 104 6.53 4.72 2.47
C ALA B 104 6.64 3.33 1.84
N LEU B 105 7.68 3.15 1.02
N LEU B 105 7.68 3.14 1.02
CA LEU B 105 8.09 1.86 0.48
CA LEU B 105 8.04 1.82 0.52
C LEU B 105 9.46 1.58 1.05
C LEU B 105 9.46 1.55 0.94
N TRP B 106 9.71 0.32 1.41
CA TRP B 106 11.01 -0.06 1.95
C TRP B 106 11.70 -1.12 1.13
N ASN B 107 13.04 -1.16 1.21
CA ASN B 107 13.76 -2.28 0.62
C ASN B 107 13.84 -3.45 1.61
N SER B 108 14.40 -4.57 1.17
CA SER B 108 14.42 -5.76 2.01
C SER B 108 15.30 -5.57 3.21
N ALA B 109 16.06 -4.48 3.23
CA ALA B 109 16.83 -4.12 4.40
C ALA B 109 16.06 -3.14 5.28
N GLY B 110 14.84 -2.79 4.88
CA GLY B 110 14.03 -1.87 5.63
C GLY B 110 14.40 -0.39 5.52
N GLU B 111 15.19 -0.03 4.50
CA GLU B 111 15.50 1.36 4.23
C GLU B 111 14.40 1.90 3.34
N PRO B 112 13.74 2.99 3.76
CA PRO B 112 12.65 3.53 2.94
C PRO B 112 13.28 4.23 1.77
N TYR B 113 12.70 4.12 0.58
CA TYR B 113 13.30 4.69 -0.61
C TYR B 113 12.30 5.55 -1.35
N ARG B 114 11.06 5.56 -0.85
CA ARG B 114 10.01 6.36 -1.45
C ARG B 114 8.89 6.51 -0.47
N MSE B 115 8.25 7.67 -0.50
CA MSE B 115 6.97 7.86 0.20
C MSE B 115 6.02 8.73 -0.63
O MSE B 115 6.34 9.87 -0.98
CB MSE B 115 7.21 8.46 1.57
CG MSE B 115 5.94 8.59 2.37
SE MSE B 115 6.42 9.15 4.16
CE MSE B 115 4.66 9.03 4.98
N VAL B 116 4.84 8.20 -0.93
N VAL B 116 4.84 8.19 -0.94
CA VAL B 116 3.86 8.94 -1.71
CA VAL B 116 3.86 8.94 -1.71
C VAL B 116 2.62 9.19 -0.84
C VAL B 116 2.64 9.21 -0.83
N GLY B 117 1.97 10.34 -1.06
CA GLY B 117 0.82 10.67 -0.27
C GLY B 117 0.10 11.88 -0.81
N TRP B 118 -0.76 12.43 0.01
CA TRP B 118 -1.61 13.54 -0.39
C TRP B 118 -1.80 14.48 0.78
N ILE B 119 -2.10 15.74 0.49
CA ILE B 119 -2.52 16.67 1.52
C ILE B 119 -3.85 17.33 1.15
N MSE B 120 -4.56 17.75 2.18
CA MSE B 120 -5.76 18.52 2.00
C MSE B 120 -5.71 19.67 2.99
O MSE B 120 -5.17 19.52 4.09
CB MSE B 120 -7.00 17.66 2.22
CG MSE B 120 -7.41 16.90 0.99
SE MSE B 120 -9.11 15.99 1.13
CE MSE B 120 -8.63 14.47 2.23
N ASP B 121 -6.25 20.81 2.56
CA ASP B 121 -6.47 21.94 3.44
C ASP B 121 -7.70 21.62 4.27
N VAL B 122 -7.53 21.65 5.60
CA VAL B 122 -8.64 21.37 6.51
C VAL B 122 -8.96 22.52 7.47
N THR B 123 -8.55 23.73 7.10
CA THR B 123 -8.52 24.86 8.01
C THR B 123 -9.88 25.21 8.56
N ASP B 124 -10.89 25.25 7.70
CA ASP B 124 -12.21 25.68 8.15
C ASP B 124 -12.84 24.68 9.09
N ARG B 125 -12.70 23.40 8.81
CA ARG B 125 -13.17 22.42 9.78
C ARG B 125 -12.44 22.58 11.11
N LYS B 126 -11.11 22.73 11.10
CA LYS B 126 -10.34 22.97 12.33
C LYS B 126 -10.80 24.23 13.10
N ARG B 127 -11.10 25.30 12.37
N ARG B 127 -11.11 25.30 12.37
CA ARG B 127 -11.64 26.53 12.97
CA ARG B 127 -11.64 26.53 12.97
C ARG B 127 -12.86 26.21 13.82
C ARG B 127 -12.87 26.24 13.80
N ASP B 128 -13.84 25.57 13.18
CA ASP B 128 -15.12 25.27 13.85
C ASP B 128 -14.95 24.32 15.03
N GLU B 129 -14.12 23.32 14.86
CA GLU B 129 -13.85 22.43 15.97
C GLU B 129 -13.26 23.23 17.16
N ASP B 130 -12.39 24.20 16.85
CA ASP B 130 -11.81 24.99 17.91
C ASP B 130 -12.83 25.92 18.52
N ALA B 131 -13.75 26.44 17.69
CA ALA B 131 -14.79 27.31 18.22
C ALA B 131 -15.66 26.54 19.22
N LEU B 132 -15.93 25.27 18.93
CA LEU B 132 -16.76 24.42 19.79
C LEU B 132 -16.07 24.14 21.12
N ARG B 133 -14.81 23.72 21.05
CA ARG B 133 -13.97 23.50 22.23
C ARG B 133 -13.93 24.73 23.13
N VAL B 134 -13.71 25.91 22.55
CA VAL B 134 -13.63 27.13 23.34
C VAL B 134 -14.97 27.46 24.01
N SER B 135 -16.08 27.29 23.31
CA SER B 135 -17.41 27.51 23.89
C SER B 135 -17.73 26.56 25.05
N ARG B 136 -17.42 25.28 24.87
CA ARG B 136 -17.60 24.28 25.93
C ARG B 136 -16.73 24.59 27.14
N GLU B 137 -15.47 24.95 26.89
N GLU B 137 -15.48 24.98 26.90
CA GLU B 137 -14.58 25.52 27.91
CA GLU B 137 -14.63 25.46 27.99
C GLU B 137 -15.29 26.65 28.66
C GLU B 137 -15.23 26.70 28.69
N GLU B 138 -15.68 27.67 27.91
CA GLU B 138 -16.30 28.85 28.46
C GLU B 138 -17.50 28.55 29.34
N LEU B 139 -18.45 27.78 28.80
CA LEU B 139 -19.66 27.39 29.56
C LEU B 139 -19.26 26.74 30.89
N ARG B 140 -18.32 25.80 30.85
CA ARG B 140 -17.81 25.16 32.06
C ARG B 140 -17.16 26.08 33.12
N ARG B 141 -16.71 27.29 32.74
CA ARG B 141 -16.16 28.21 33.76
C ARG B 141 -17.13 29.30 34.27
N LEU B 142 -18.32 29.37 33.68
CA LEU B 142 -19.31 30.34 34.13
C LEU B 142 -19.77 30.08 35.57
S SO4 C . 12.52 -15.45 -3.99
O1 SO4 C . 13.52 -14.50 -4.43
O2 SO4 C . 12.04 -15.14 -2.65
O3 SO4 C . 11.41 -15.41 -4.92
O4 SO4 C . 13.06 -16.81 -3.96
C1 PG5 D . 3.38 -2.91 -8.17
O1 PG5 D . 3.74 -2.15 -7.03
C2 PG5 D . 4.73 -2.89 -6.32
C3 PG5 D . 5.46 -2.11 -5.23
O2 PG5 D . 6.33 -3.05 -4.60
C4 PG5 D . 6.32 -2.88 -3.20
C5 PG5 D . 6.51 -4.24 -2.57
O3 PG5 D . 5.80 -4.20 -1.33
C6 PG5 D . 4.80 -5.20 -1.26
C7 PG5 D . 4.00 -5.01 0.01
O4 PG5 D . 3.43 -3.71 -0.07
C8 PG5 D . 2.12 -3.73 -0.63
C1 PG5 E . -9.35 -19.15 -6.53
O1 PG5 E . -7.93 -19.11 -6.69
C2 PG5 E . -7.32 -20.35 -7.05
C3 PG5 E . -5.84 -20.14 -7.31
O2 PG5 E . -5.25 -19.44 -6.22
C4 PG5 E . -4.95 -20.38 -5.20
C5 PG5 E . -4.00 -19.85 -4.12
O3 PG5 E . -4.64 -18.75 -3.51
C6 PG5 E . -3.84 -18.14 -2.52
C7 PG5 E . -4.08 -16.63 -2.52
O4 PG5 E . -5.17 -16.33 -1.65
C8 PG5 E . -5.42 -14.92 -1.63
C1 GOL F . 2.08 -28.10 -10.57
O1 GOL F . 2.77 -26.90 -10.87
C2 GOL F . 1.78 -28.10 -9.08
O2 GOL F . 2.69 -27.17 -8.58
C3 GOL F . 2.03 -29.45 -8.41
O3 GOL F . 1.18 -30.50 -8.89
C1 PG5 G . -6.44 -25.90 -24.85
O1 PG5 G . -6.99 -26.88 -23.97
C2 PG5 G . -8.39 -26.71 -23.75
C3 PG5 G . -8.77 -27.22 -22.36
O2 PG5 G . -8.08 -28.46 -22.12
C4 PG5 G . -8.43 -29.11 -20.91
C5 PG5 G . -8.35 -30.62 -21.12
O3 PG5 G . -9.41 -30.95 -22.01
C6 PG5 G . -9.90 -32.28 -21.93
C7 PG5 G . -11.19 -32.40 -22.74
O4 PG5 G . -11.00 -32.64 -24.14
C8 PG5 G . -12.16 -32.38 -24.94
C1 PEG H . 13.61 -16.26 -8.75
O1 PEG H . 14.40 -15.46 -7.86
C2 PEG H . 12.24 -15.63 -9.03
O2 PEG H . 11.56 -16.31 -10.10
C3 PEG H . 10.25 -15.76 -10.37
C4 PEG H . 10.17 -15.22 -11.81
O4 PEG H . 8.85 -14.75 -12.12
C1 PEG I . 2.93 -5.38 -10.67
O1 PEG I . 1.85 -4.54 -10.28
C2 PEG I . 2.37 -6.73 -11.09
O2 PEG I . 3.33 -7.43 -11.85
C3 PEG I . 3.18 -8.84 -11.70
C4 PEG I . 3.95 -9.58 -12.80
O4 PEG I . 4.86 -10.54 -12.24
C1 EDO J . 18.45 -3.40 -14.45
O1 EDO J . 19.52 -4.31 -14.16
C2 EDO J . 17.14 -4.10 -14.84
O2 EDO J . 16.04 -3.17 -14.95
S SO4 K . -12.76 18.66 5.62
O1 SO4 K . -13.96 18.88 6.43
O2 SO4 K . -12.23 19.92 5.12
O3 SO4 K . -11.78 18.02 6.47
O4 SO4 K . -13.11 17.76 4.53
C1 PG5 L . -4.78 26.50 18.18
O1 PG5 L . -5.86 26.65 17.26
C2 PG5 L . -6.45 25.41 16.88
C3 PG5 L . -7.66 25.66 15.99
O2 PG5 L . -7.30 26.39 14.83
C4 PG5 L . -8.47 27.00 14.32
C5 PG5 L . -8.07 27.71 13.03
O3 PG5 L . -6.69 28.01 13.10
C6 PG5 L . -6.13 28.09 11.79
C7 PG5 L . -4.81 28.86 11.75
O4 PG5 L . -3.89 28.30 12.69
C8 PG5 L . -2.62 28.05 12.08
C1 PG5 M . 9.76 15.07 4.88
O1 PG5 M . 8.39 14.86 5.16
C2 PG5 M . 7.89 13.63 4.62
C3 PG5 M . 6.37 13.56 4.68
O2 PG5 M . 5.82 14.82 4.32
C4 PG5 M . 5.75 14.98 2.92
C5 PG5 M . 4.65 15.97 2.54
O3 PG5 M . 4.62 17.07 3.42
C6 PG5 M . 3.46 17.87 3.19
C7 PG5 M . 3.56 19.18 3.97
O4 PG5 M . 4.38 20.09 3.26
C8 PG5 M . 4.75 21.20 4.08
C1 GOL N . -1.80 5.59 1.70
O1 GOL N . -2.71 5.78 2.77
C2 GOL N . -1.39 6.94 1.12
O2 GOL N . -2.45 7.83 1.32
C3 GOL N . -1.05 6.88 -0.37
O3 GOL N . -0.15 5.83 -0.65
C1 PG5 O . 9.96 -2.12 11.71
O1 PG5 O . 10.65 -2.27 10.48
C2 PG5 O . 11.51 -1.15 10.22
C3 PG5 O . 11.68 -1.03 8.71
O2 PG5 O . 10.59 -1.74 8.13
C4 PG5 O . 10.65 -1.74 6.71
C5 PG5 O . 10.29 -3.10 6.15
O3 PG5 O . 11.49 -3.75 5.70
C6 PG5 O . 11.22 -5.01 5.12
C7 PG5 O . 12.03 -6.09 5.83
O4 PG5 O . 11.19 -7.22 6.13
C8 PG5 O . 11.87 -8.17 6.95
C1 PEG P . -15.92 15.07 7.74
O1 PEG P . -15.69 16.46 7.55
C2 PEG P . -14.62 14.30 7.56
O2 PEG P . -13.79 14.38 8.74
C3 PEG P . -12.68 13.47 8.70
C4 PEG P . -11.85 13.59 9.98
O4 PEG P . -10.43 13.53 9.75
C1 PEG Q . -6.14 21.48 17.86
O1 PEG Q . -6.54 22.77 17.41
C2 PEG Q . -6.38 20.47 16.75
O2 PEG Q . -5.60 19.30 16.99
C3 PEG Q . -4.39 19.30 16.22
C4 PEG Q . -3.96 17.88 15.87
O4 PEG Q . -4.79 17.33 14.85
C1 EDO R . -17.94 17.55 20.95
O1 EDO R . -18.79 16.42 21.09
C2 EDO R . -17.00 17.66 22.15
O2 EDO R . -16.15 18.81 22.00
#